data_2R0X
#
_entry.id   2R0X
#
_cell.length_a   72.020
_cell.length_b   38.850
_cell.length_c   48.440
_cell.angle_alpha   90.000
_cell.angle_beta   115.630
_cell.angle_gamma   90.000
#
_symmetry.space_group_name_H-M   'C 1 2 1'
#
loop_
_entity.id
_entity.type
_entity.pdbx_description
1 polymer 'Possible flavin reductase'
2 non-polymer 'ACETATE ION'
3 non-polymer 'SULFATE ION'
4 non-polymer 1,2-ETHANEDIOL
5 water water
#
_entity_poly.entity_id   1
_entity_poly.type   'polypeptide(L)'
_entity_poly.pdbx_seq_one_letter_code
;G(MSE)VEVSQFKDA(MSE)AQLASAVHIVTTSGETGQHGFTASAVCSVTDSPPTLLVCINSNARAYEHFVKNRVL
(MSE)VNTLTAEQSSLSNIFASPLSQEERFSNASWTTLTTGSP(MSE)LQDALINFDCEITEIKHVGTHDILICKIVDIH
QSNAKNALVYRNRVYHSV
;
_entity_poly.pdbx_strand_id   A
#
loop_
_chem_comp.id
_chem_comp.type
_chem_comp.name
_chem_comp.formula
ACT non-polymer 'ACETATE ION' 'C2 H3 O2 -1'
EDO non-polymer 1,2-ETHANEDIOL 'C2 H6 O2'
SO4 non-polymer 'SULFATE ION' 'O4 S -2'
#
# COMPACT_ATOMS: atom_id res chain seq x y z
N VAL A 3 6.21 19.36 17.60
CA VAL A 3 5.65 20.37 16.65
C VAL A 3 4.14 20.23 16.58
N GLU A 4 3.45 21.26 16.08
CA GLU A 4 1.99 21.19 15.95
C GLU A 4 1.59 20.26 14.82
N VAL A 5 0.48 19.59 15.00
CA VAL A 5 0.04 18.65 13.99
C VAL A 5 -0.24 19.37 12.65
N SER A 6 -0.88 20.53 12.68
CA SER A 6 -1.19 21.23 11.43
C SER A 6 0.06 21.59 10.64
N GLN A 7 1.10 22.04 11.35
CA GLN A 7 2.36 22.36 10.72
C GLN A 7 3.02 21.13 10.11
N PHE A 8 2.96 20.01 10.84
CA PHE A 8 3.48 18.79 10.30
C PHE A 8 2.73 18.36 9.05
N LYS A 9 1.40 18.44 9.08
CA LYS A 9 0.61 18.03 7.88
C LYS A 9 0.96 18.92 6.68
N ASP A 10 1.12 20.21 6.91
CA ASP A 10 1.45 21.09 5.80
C ASP A 10 2.84 20.82 5.28
N ALA A 11 3.79 20.54 6.17
CA ALA A 11 5.14 20.16 5.75
C ALA A 11 5.11 18.85 4.97
N MSE A 12 4.35 17.87 5.45
N MSE A 12 4.34 17.89 5.45
CA MSE A 12 4.23 16.58 4.73
CA MSE A 12 4.26 16.60 4.77
C MSE A 12 3.60 16.75 3.36
C MSE A 12 3.54 16.69 3.41
O MSE A 12 3.96 16.02 2.42
O MSE A 12 3.80 15.88 2.50
CB MSE A 12 3.44 15.55 5.52
CB MSE A 12 3.67 15.54 5.68
CG MSE A 12 4.18 14.99 6.74
CG MSE A 12 4.63 15.11 6.81
SE MSE A 12 5.90 14.19 6.23
SE MSE A 12 6.03 14.06 5.98
CE MSE A 12 5.27 12.83 5.01
CE MSE A 12 7.25 13.64 7.38
N ALA A 13 2.69 17.70 3.23
CA ALA A 13 2.08 17.97 1.91
C ALA A 13 3.13 18.33 0.85
N GLN A 14 4.28 18.84 1.28
N GLN A 14 4.27 18.84 1.27
CA GLN A 14 5.36 19.17 0.36
CA GLN A 14 5.28 19.21 0.32
C GLN A 14 6.17 17.93 -0.07
C GLN A 14 6.15 18.04 -0.05
N LEU A 15 6.11 16.83 0.69
N LEU A 15 5.96 16.93 0.65
CA LEU A 15 6.97 15.65 0.46
CA LEU A 15 6.72 15.71 0.40
C LEU A 15 6.33 14.73 -0.58
C LEU A 15 6.11 14.94 -0.74
N ALA A 16 6.89 14.73 -1.79
CA ALA A 16 6.39 13.96 -2.91
C ALA A 16 6.41 12.48 -2.55
N SER A 17 5.37 11.77 -2.93
N SER A 17 5.30 11.79 -2.83
CA SER A 17 5.36 10.35 -2.64
CA SER A 17 5.19 10.36 -2.50
C SER A 17 4.68 9.60 -3.76
C SER A 17 4.59 9.56 -3.65
N ALA A 18 5.18 8.40 -3.95
CA ALA A 18 4.50 7.37 -4.72
C ALA A 18 3.22 7.01 -3.99
N VAL A 19 2.25 6.46 -4.71
CA VAL A 19 0.96 6.09 -4.21
C VAL A 19 0.75 4.62 -4.46
N HIS A 20 0.29 3.90 -3.45
CA HIS A 20 0.12 2.46 -3.50
C HIS A 20 -1.27 2.10 -2.98
N ILE A 21 -1.80 0.96 -3.43
CA ILE A 21 -2.96 0.36 -2.81
C ILE A 21 -2.47 -0.95 -2.19
N VAL A 22 -2.58 -1.05 -0.87
CA VAL A 22 -2.06 -2.18 -0.11
C VAL A 22 -3.23 -3.09 0.19
N THR A 23 -3.12 -4.36 -0.18
CA THR A 23 -4.26 -5.27 -0.08
C THR A 23 -3.85 -6.55 0.66
N THR A 24 -4.89 -7.27 1.09
CA THR A 24 -4.75 -8.58 1.68
C THR A 24 -6.06 -9.34 1.39
N SER A 25 -6.01 -10.64 1.67
N SER A 25 -6.04 -10.63 1.60
CA SER A 25 -7.08 -11.57 1.35
CA SER A 25 -7.21 -11.40 1.31
C SER A 25 -7.66 -12.21 2.58
C SER A 25 -8.09 -11.57 2.54
N GLY A 26 -8.96 -12.54 2.51
CA GLY A 26 -9.65 -12.95 3.70
C GLY A 26 -10.81 -13.82 3.28
N GLU A 27 -11.43 -14.38 4.29
N GLU A 27 -11.51 -14.35 4.26
CA GLU A 27 -12.73 -15.02 4.19
CA GLU A 27 -12.81 -14.97 4.03
C GLU A 27 -13.76 -13.90 4.20
C GLU A 27 -13.91 -14.00 4.43
N THR A 28 -13.52 -12.90 5.06
CA THR A 28 -14.27 -11.65 4.97
C THR A 28 -14.15 -11.13 3.52
N GLY A 29 -13.20 -11.69 2.77
CA GLY A 29 -13.03 -11.41 1.33
C GLY A 29 -11.80 -10.54 1.16
N GLN A 30 -11.79 -9.69 0.11
CA GLN A 30 -10.65 -8.78 -0.14
C GLN A 30 -10.69 -7.49 0.70
N HIS A 31 -9.51 -7.00 1.07
CA HIS A 31 -9.39 -5.79 1.90
C HIS A 31 -8.24 -4.99 1.35
N GLY A 32 -8.36 -3.69 1.36
CA GLY A 32 -7.19 -2.89 0.98
C GLY A 32 -7.36 -1.45 1.38
N PHE A 33 -6.28 -0.69 1.22
CA PHE A 33 -6.27 0.72 1.54
C PHE A 33 -5.17 1.42 0.75
N THR A 34 -5.41 2.70 0.48
CA THR A 34 -4.41 3.57 -0.16
C THR A 34 -3.34 3.96 0.85
N ALA A 35 -2.08 3.89 0.45
CA ALA A 35 -0.96 4.27 1.31
C ALA A 35 0.09 5.03 0.54
N SER A 36 0.70 5.98 1.22
CA SER A 36 1.92 6.61 0.75
C SER A 36 3.15 6.24 1.59
N ALA A 37 2.94 5.81 2.84
CA ALA A 37 4.04 5.56 3.80
C ALA A 37 4.53 4.12 3.61
N VAL A 38 5.26 3.93 2.50
CA VAL A 38 5.80 2.68 2.04
C VAL A 38 7.21 2.97 1.57
N CYS A 39 8.18 2.14 1.96
N CYS A 39 8.17 2.21 2.15
CA CYS A 39 9.51 2.31 1.44
CA CYS A 39 9.63 2.35 1.92
C CYS A 39 10.25 1.00 1.53
C CYS A 39 10.29 1.00 1.66
N SER A 40 11.30 0.86 0.73
N SER A 40 11.41 1.04 0.97
CA SER A 40 12.19 -0.26 0.91
CA SER A 40 12.32 -0.09 0.88
C SER A 40 12.97 -0.11 2.20
C SER A 40 13.20 -0.12 2.12
N VAL A 41 13.44 -1.24 2.68
N VAL A 41 13.23 -1.21 2.89
CA VAL A 41 14.17 -1.33 3.92
CA VAL A 41 14.10 -1.26 4.06
C VAL A 41 15.51 -1.92 3.65
C VAL A 41 15.44 -2.03 3.88
N THR A 42 15.49 -3.13 3.10
CA THR A 42 16.73 -3.86 2.89
C THR A 42 16.62 -4.75 1.66
N ASP A 43 17.75 -5.20 1.15
N ASP A 43 17.77 -5.15 1.12
CA ASP A 43 17.79 -6.16 0.05
CA ASP A 43 17.90 -6.16 0.05
C ASP A 43 18.38 -7.50 0.51
C ASP A 43 18.19 -7.57 0.54
N SER A 44 18.34 -7.75 1.82
N SER A 44 18.48 -7.78 1.82
CA SER A 44 18.88 -8.97 2.40
CA SER A 44 18.93 -9.11 2.26
C SER A 44 17.97 -9.52 3.49
C SER A 44 18.08 -9.65 3.41
N PRO A 45 16.91 -10.19 3.10
CA PRO A 45 16.37 -10.31 1.76
C PRO A 45 15.54 -9.08 1.42
N PRO A 46 15.12 -8.94 0.15
CA PRO A 46 14.27 -7.84 -0.21
C PRO A 46 13.07 -7.71 0.72
N THR A 47 12.95 -6.52 1.28
CA THR A 47 12.01 -6.21 2.32
C THR A 47 11.52 -4.77 2.19
N LEU A 48 10.26 -4.53 2.45
N LEU A 48 10.19 -4.58 2.36
CA LEU A 48 9.75 -3.19 2.47
CA LEU A 48 9.51 -3.25 2.42
C LEU A 48 8.98 -3.05 3.77
C LEU A 48 9.00 -2.96 3.85
N LEU A 49 8.66 -1.81 4.08
N LEU A 49 8.66 -1.68 4.05
CA LEU A 49 7.73 -1.54 5.17
CA LEU A 49 7.90 -1.22 5.21
C LEU A 49 6.55 -0.75 4.69
C LEU A 49 6.58 -0.64 4.73
N VAL A 50 5.47 -0.95 5.42
CA VAL A 50 4.22 -0.27 5.19
C VAL A 50 3.75 0.24 6.55
N CYS A 51 3.42 1.53 6.65
CA CYS A 51 2.84 2.07 7.86
C CYS A 51 1.30 2.00 7.76
N ILE A 52 0.64 1.63 8.83
CA ILE A 52 -0.79 1.41 8.84
C ILE A 52 -1.32 2.02 10.13
N ASN A 53 -2.49 2.65 10.02
CA ASN A 53 -3.20 3.16 11.18
C ASN A 53 -3.81 1.98 11.92
N SER A 54 -3.42 1.76 13.18
CA SER A 54 -3.90 0.59 13.90
C SER A 54 -5.34 0.69 14.35
N ASN A 55 -5.96 1.81 14.09
CA ASN A 55 -7.37 2.01 14.37
C ASN A 55 -8.22 1.91 13.12
N ALA A 56 -7.61 1.72 11.95
CA ALA A 56 -8.33 1.69 10.71
C ALA A 56 -9.14 0.42 10.56
N ARG A 57 -10.23 0.51 9.82
CA ARG A 57 -11.01 -0.66 9.47
C ARG A 57 -10.13 -1.75 8.90
N ALA A 58 -9.17 -1.38 8.07
CA ALA A 58 -8.26 -2.29 7.42
C ALA A 58 -7.44 -3.17 8.38
N TYR A 59 -7.08 -2.60 9.52
CA TYR A 59 -5.95 -3.08 10.29
C TYR A 59 -6.02 -4.55 10.70
N GLU A 60 -7.12 -4.97 11.30
N GLU A 60 -7.15 -4.92 11.28
CA GLU A 60 -7.10 -6.31 11.84
CA GLU A 60 -7.31 -6.27 11.82
C GLU A 60 -7.08 -7.41 10.75
C GLU A 60 -7.08 -7.36 10.75
N HIS A 61 -7.46 -7.07 9.51
CA HIS A 61 -7.34 -8.02 8.43
C HIS A 61 -5.88 -8.32 8.10
N PHE A 62 -5.04 -7.30 8.20
CA PHE A 62 -3.62 -7.45 7.97
C PHE A 62 -2.96 -8.24 9.12
N VAL A 63 -3.35 -7.90 10.33
CA VAL A 63 -2.85 -8.63 11.51
C VAL A 63 -3.22 -10.11 11.42
N LYS A 64 -4.45 -10.40 11.03
CA LYS A 64 -4.95 -11.79 11.00
C LYS A 64 -4.22 -12.57 9.90
N ASN A 65 -4.15 -11.99 8.70
N ASN A 65 -4.12 -11.95 8.74
CA ASN A 65 -3.62 -12.73 7.53
CA ASN A 65 -3.72 -12.70 7.58
C ASN A 65 -2.13 -12.83 7.46
C ASN A 65 -2.19 -12.77 7.36
N ARG A 66 -1.48 -11.75 7.85
CA ARG A 66 -0.02 -11.69 7.83
C ARG A 66 0.65 -11.80 6.46
N VAL A 67 -0.10 -11.37 5.44
CA VAL A 67 0.43 -11.19 4.10
C VAL A 67 -0.19 -9.92 3.55
N LEU A 68 0.50 -9.28 2.61
CA LEU A 68 -0.07 -8.13 1.93
C LEU A 68 0.58 -8.04 0.56
N MSE A 69 -0.09 -7.29 -0.31
CA MSE A 69 0.41 -6.89 -1.62
C MSE A 69 0.54 -5.39 -1.67
O MSE A 69 -0.44 -4.69 -1.34
CB MSE A 69 -0.58 -7.34 -2.68
CG MSE A 69 -0.18 -6.98 -4.11
SE MSE A 69 1.09 -8.13 -4.97
CE MSE A 69 -0.07 -9.70 -4.94
N VAL A 70 1.71 -4.87 -2.05
CA VAL A 70 1.85 -3.45 -2.34
C VAL A 70 1.66 -3.29 -3.85
N ASN A 71 0.58 -2.59 -4.22
CA ASN A 71 0.28 -2.30 -5.64
C ASN A 71 0.58 -0.83 -5.93
N THR A 72 1.74 -0.59 -6.50
CA THR A 72 2.16 0.80 -6.78
C THR A 72 1.44 1.31 -8.02
N LEU A 73 0.87 2.50 -7.95
CA LEU A 73 -0.08 2.96 -8.95
C LEU A 73 0.60 3.72 -10.10
N THR A 74 0.01 3.53 -11.28
CA THR A 74 0.36 4.33 -12.45
C THR A 74 -0.35 5.68 -12.37
N ALA A 75 0.10 6.59 -13.23
CA ALA A 75 -0.45 7.95 -13.35
C ALA A 75 -1.90 7.92 -13.73
N GLU A 76 -2.37 6.82 -14.32
CA GLU A 76 -3.75 6.66 -14.75
C GLU A 76 -4.68 6.18 -13.67
N GLN A 77 -4.18 5.88 -12.47
CA GLN A 77 -4.97 5.24 -11.42
C GLN A 77 -5.32 6.15 -10.24
N SER A 78 -5.40 7.46 -10.47
CA SER A 78 -5.73 8.36 -9.38
C SER A 78 -7.16 8.19 -8.83
N SER A 79 -8.15 7.86 -9.66
N SER A 79 -8.10 7.84 -9.69
CA SER A 79 -9.50 7.59 -9.12
CA SER A 79 -9.44 7.57 -9.25
C SER A 79 -9.43 6.40 -8.19
C SER A 79 -9.49 6.39 -8.30
N LEU A 80 -8.70 5.36 -8.60
CA LEU A 80 -8.61 4.17 -7.76
C LEU A 80 -7.97 4.51 -6.41
N SER A 81 -6.93 5.36 -6.44
CA SER A 81 -6.33 5.86 -5.23
C SER A 81 -7.37 6.49 -4.30
N ASN A 82 -8.19 7.39 -4.84
CA ASN A 82 -9.23 8.01 -4.05
C ASN A 82 -10.23 7.00 -3.52
N ILE A 83 -10.64 6.06 -4.34
CA ILE A 83 -11.61 5.07 -3.92
C ILE A 83 -11.10 4.24 -2.73
N PHE A 84 -9.84 3.85 -2.78
CA PHE A 84 -9.26 3.07 -1.70
C PHE A 84 -8.81 3.87 -0.47
N ALA A 85 -9.03 5.18 -0.51
CA ALA A 85 -8.84 6.08 0.63
C ALA A 85 -10.14 6.52 1.25
N SER A 86 -11.27 6.05 0.76
N SER A 86 -11.25 5.99 0.75
CA SER A 86 -12.57 6.58 1.14
CA SER A 86 -12.62 6.42 1.08
C SER A 86 -13.50 5.49 1.73
C SER A 86 -13.41 5.41 1.88
N PRO A 87 -14.42 5.86 2.62
CA PRO A 87 -15.29 4.91 3.34
C PRO A 87 -16.35 4.31 2.41
N LEU A 88 -15.87 3.43 1.57
CA LEU A 88 -16.67 2.55 0.74
C LEU A 88 -16.53 1.15 1.22
N SER A 89 -17.52 0.32 0.97
CA SER A 89 -17.35 -1.12 1.23
C SER A 89 -16.20 -1.70 0.38
N GLN A 90 -15.58 -2.78 0.88
CA GLN A 90 -14.54 -3.40 0.08
C GLN A 90 -15.11 -3.91 -1.24
N GLU A 91 -16.35 -4.39 -1.26
CA GLU A 91 -16.92 -4.85 -2.50
C GLU A 91 -16.98 -3.75 -3.55
N GLU A 92 -17.43 -2.58 -3.14
CA GLU A 92 -17.47 -1.45 -4.05
C GLU A 92 -16.06 -1.08 -4.48
N ARG A 93 -15.13 -0.97 -3.54
CA ARG A 93 -13.76 -0.60 -3.89
C ARG A 93 -13.20 -1.55 -4.96
N PHE A 94 -13.23 -2.84 -4.69
CA PHE A 94 -12.55 -3.81 -5.56
C PHE A 94 -13.23 -3.87 -6.93
N SER A 95 -14.54 -3.58 -6.99
CA SER A 95 -15.26 -3.61 -8.27
C SER A 95 -14.70 -2.64 -9.32
N ASN A 96 -13.88 -1.69 -8.92
CA ASN A 96 -13.38 -0.64 -9.78
C ASN A 96 -12.08 -0.95 -10.51
N ALA A 97 -11.59 -2.17 -10.39
CA ALA A 97 -10.37 -2.61 -11.11
C ALA A 97 -10.40 -4.11 -11.29
N SER A 98 -9.36 -4.67 -11.89
CA SER A 98 -9.26 -6.12 -12.08
C SER A 98 -8.13 -6.62 -11.23
N TRP A 99 -8.32 -7.79 -10.61
CA TRP A 99 -7.41 -8.31 -9.62
C TRP A 99 -7.11 -9.79 -9.90
N THR A 100 -5.90 -10.19 -9.54
N THR A 100 -5.85 -10.17 -9.65
CA THR A 100 -5.52 -11.61 -9.54
CA THR A 100 -5.40 -11.56 -9.70
C THR A 100 -4.71 -11.91 -8.28
C THR A 100 -4.62 -11.85 -8.39
N THR A 101 -3.90 -12.96 -8.29
CA THR A 101 -3.03 -13.26 -7.16
C THR A 101 -1.69 -13.68 -7.68
N LEU A 102 -0.68 -13.56 -6.82
CA LEU A 102 0.67 -14.05 -7.09
C LEU A 102 0.90 -15.28 -6.21
N THR A 103 1.49 -15.10 -5.04
N THR A 103 1.48 -15.14 -5.03
CA THR A 103 1.82 -16.17 -4.14
CA THR A 103 1.70 -16.27 -4.14
C THR A 103 0.99 -16.21 -2.85
C THR A 103 1.01 -16.23 -2.79
N THR A 104 0.77 -15.05 -2.24
CA THR A 104 0.13 -15.02 -0.92
C THR A 104 -1.39 -15.11 -0.91
N GLY A 105 -2.01 -14.87 -2.06
CA GLY A 105 -3.44 -14.68 -2.11
C GLY A 105 -3.89 -13.24 -1.93
N SER A 106 -2.98 -12.36 -1.52
CA SER A 106 -3.31 -10.94 -1.46
C SER A 106 -3.64 -10.46 -2.88
N PRO A 107 -4.68 -9.65 -3.06
CA PRO A 107 -5.09 -9.26 -4.42
C PRO A 107 -4.05 -8.40 -5.14
N MSE A 108 -3.67 -8.86 -6.33
CA MSE A 108 -2.77 -8.17 -7.22
C MSE A 108 -3.53 -7.30 -8.18
O MSE A 108 -4.37 -7.80 -8.94
CB MSE A 108 -1.94 -9.15 -8.03
CG MSE A 108 -0.76 -8.51 -8.71
SE MSE A 108 0.05 -9.45 -10.16
CE MSE A 108 -0.69 -8.47 -11.61
N LEU A 109 -3.27 -6.00 -8.16
CA LEU A 109 -3.94 -5.06 -9.03
C LEU A 109 -3.35 -5.21 -10.44
N GLN A 110 -4.23 -5.52 -11.38
N GLN A 110 -4.21 -5.54 -11.40
CA GLN A 110 -3.88 -5.51 -12.79
CA GLN A 110 -3.80 -5.58 -12.80
C GLN A 110 -3.61 -4.09 -13.27
C GLN A 110 -3.62 -4.14 -13.29
N ASP A 111 -2.70 -3.99 -14.25
CA ASP A 111 -2.35 -2.71 -14.84
C ASP A 111 -1.70 -1.73 -13.84
N ALA A 112 -1.14 -2.25 -12.77
CA ALA A 112 -0.41 -1.43 -11.82
C ALA A 112 1.01 -1.13 -12.33
N LEU A 113 1.68 -0.19 -11.69
CA LEU A 113 3.05 0.13 -12.00
C LEU A 113 4.00 -0.99 -11.52
N ILE A 114 3.76 -1.46 -10.30
CA ILE A 114 4.58 -2.50 -9.67
C ILE A 114 3.68 -3.24 -8.70
N ASN A 115 3.96 -4.53 -8.49
CA ASN A 115 3.27 -5.34 -7.54
C ASN A 115 4.28 -6.12 -6.69
N PHE A 116 4.28 -5.88 -5.39
CA PHE A 116 5.16 -6.58 -4.46
C PHE A 116 4.32 -7.42 -3.51
N ASP A 117 4.42 -8.75 -3.64
CA ASP A 117 3.65 -9.67 -2.78
C ASP A 117 4.54 -10.05 -1.60
N CYS A 118 3.99 -9.90 -0.40
CA CYS A 118 4.78 -9.92 0.82
C CYS A 118 4.18 -10.73 1.94
N GLU A 119 5.11 -11.21 2.77
CA GLU A 119 4.79 -11.76 4.07
C GLU A 119 5.07 -10.72 5.13
N ILE A 120 4.15 -10.55 6.09
CA ILE A 120 4.33 -9.55 7.15
C ILE A 120 5.10 -10.29 8.23
N THR A 121 6.39 -10.09 8.23
N THR A 121 6.43 -10.17 8.21
CA THR A 121 7.27 -10.84 9.04
CA THR A 121 7.28 -10.94 9.13
C THR A 121 7.17 -10.43 10.50
C THR A 121 7.35 -10.41 10.54
N GLU A 122 7.08 -9.12 10.75
CA GLU A 122 6.95 -8.59 12.11
C GLU A 122 6.19 -7.25 12.05
N ILE A 123 5.66 -6.91 13.20
CA ILE A 123 4.86 -5.71 13.40
C ILE A 123 5.43 -4.96 14.57
N LYS A 124 5.69 -3.66 14.37
CA LYS A 124 6.14 -2.79 15.44
C LYS A 124 5.11 -1.71 15.72
N HIS A 125 4.83 -1.45 16.99
CA HIS A 125 3.86 -0.44 17.33
C HIS A 125 4.51 0.93 17.50
N VAL A 126 3.92 1.95 16.86
CA VAL A 126 4.35 3.32 17.00
C VAL A 126 3.12 4.20 17.26
N GLY A 127 2.57 4.05 18.46
CA GLY A 127 1.38 4.80 18.83
C GLY A 127 0.14 4.43 18.03
N THR A 128 -0.44 5.43 17.35
CA THR A 128 -1.64 5.19 16.55
C THR A 128 -1.36 4.39 15.27
N HIS A 129 -0.09 4.21 14.91
CA HIS A 129 0.26 3.46 13.72
C HIS A 129 1.14 2.29 14.08
N ASP A 130 1.16 1.32 13.19
CA ASP A 130 2.12 0.23 13.24
C ASP A 130 2.99 0.30 11.98
N ILE A 131 4.20 -0.23 12.12
CA ILE A 131 5.09 -0.49 11.01
C ILE A 131 5.02 -2.00 10.71
N LEU A 132 4.61 -2.33 9.49
CA LEU A 132 4.57 -3.69 8.98
C LEU A 132 5.86 -3.94 8.21
N ILE A 133 6.67 -4.87 8.71
N ILE A 133 6.68 -4.87 8.69
CA ILE A 133 7.92 -5.28 8.07
CA ILE A 133 7.96 -5.17 8.06
C ILE A 133 7.59 -6.43 7.16
C ILE A 133 7.76 -6.42 7.20
N CYS A 134 7.91 -6.27 5.88
CA CYS A 134 7.34 -7.16 4.86
C CYS A 134 8.42 -7.75 3.96
N LYS A 135 8.64 -9.04 4.10
CA LYS A 135 9.53 -9.77 3.24
C LYS A 135 8.83 -9.96 1.89
N ILE A 136 9.50 -9.61 0.82
CA ILE A 136 8.93 -9.73 -0.54
C ILE A 136 9.13 -11.15 -1.04
N VAL A 137 8.04 -11.79 -1.43
CA VAL A 137 8.09 -13.17 -1.90
C VAL A 137 7.72 -13.32 -3.38
N ASP A 138 7.19 -12.28 -4.04
CA ASP A 138 6.93 -12.35 -5.47
C ASP A 138 6.81 -10.89 -5.94
N ILE A 139 7.19 -10.63 -7.18
CA ILE A 139 7.17 -9.28 -7.76
C ILE A 139 6.66 -9.40 -9.18
N HIS A 140 5.83 -8.45 -9.57
CA HIS A 140 5.50 -8.19 -10.96
C HIS A 140 5.81 -6.73 -11.24
N GLN A 141 6.46 -6.43 -12.36
CA GLN A 141 6.71 -5.01 -12.70
C GLN A 141 6.25 -4.65 -14.10
N SER A 142 5.82 -3.41 -14.27
CA SER A 142 5.50 -2.88 -15.58
C SER A 142 6.74 -2.34 -16.24
N ASN A 143 6.57 -2.01 -17.52
CA ASN A 143 7.59 -1.30 -18.29
C ASN A 143 6.96 -0.14 -19.02
N ALA A 144 7.68 0.96 -19.07
CA ALA A 144 7.30 2.09 -19.91
C ALA A 144 5.99 2.73 -19.49
N LYS A 145 5.73 2.71 -18.21
CA LYS A 145 4.56 3.38 -17.65
C LYS A 145 4.99 4.53 -16.78
N ASN A 146 4.08 5.47 -16.55
CA ASN A 146 4.35 6.61 -15.71
C ASN A 146 3.74 6.39 -14.33
N ALA A 147 4.45 6.89 -13.31
CA ALA A 147 4.06 6.71 -11.89
C ALA A 147 3.11 7.79 -11.44
N LEU A 148 2.19 7.42 -10.57
CA LEU A 148 1.39 8.38 -9.85
C LEU A 148 2.19 8.89 -8.64
N VAL A 149 2.20 10.21 -8.49
CA VAL A 149 2.86 10.88 -7.37
C VAL A 149 1.90 11.86 -6.75
N TYR A 150 1.92 11.93 -5.42
CA TYR A 150 1.06 12.84 -4.65
C TYR A 150 1.95 13.91 -3.99
N ARG A 151 1.63 15.18 -4.23
N ARG A 151 1.63 15.18 -4.23
CA ARG A 151 2.38 16.28 -3.65
CA ARG A 151 2.39 16.28 -3.63
C ARG A 151 1.47 17.51 -3.68
C ARG A 151 1.52 17.55 -3.70
N ASN A 152 1.57 18.33 -2.65
CA ASN A 152 0.77 19.55 -2.53
C ASN A 152 -0.72 19.24 -2.63
N ARG A 153 -1.06 18.05 -2.16
CA ARG A 153 -2.44 17.57 -2.07
C ARG A 153 -3.10 17.37 -3.43
N VAL A 154 -2.30 17.23 -4.50
CA VAL A 154 -2.80 16.93 -5.83
C VAL A 154 -1.90 15.87 -6.46
N TYR A 155 -2.37 15.29 -7.57
CA TYR A 155 -1.66 14.25 -8.26
C TYR A 155 -0.80 14.75 -9.39
N HIS A 156 0.21 13.92 -9.71
CA HIS A 156 1.25 14.21 -10.65
C HIS A 156 1.63 12.93 -11.36
N SER A 157 2.22 13.10 -12.55
CA SER A 157 2.75 12.00 -13.35
C SER A 157 4.25 12.13 -13.41
N VAL A 158 4.94 11.06 -12.99
CA VAL A 158 6.39 11.03 -13.08
C VAL A 158 6.84 9.83 -13.90
C ACT B . -3.79 7.22 8.45
O ACT B . -2.62 7.05 8.04
OXT ACT B . -3.92 7.97 9.44
CH3 ACT B . -4.96 6.51 7.84
C ACT C . -2.79 9.41 -0.84
O ACT C . -3.20 8.91 0.23
OXT ACT C . -3.64 10.07 -1.49
CH3 ACT C . -1.38 9.26 -1.29
C ACT D . -4.17 17.08 5.68
O ACT D . -3.08 16.82 5.11
OXT ACT D . -4.98 16.14 5.72
CH3 ACT D . -4.46 18.42 6.28
C ACT E . 17.71 -1.17 0.48
O ACT E . 16.86 -1.30 -0.43
OXT ACT E . 17.46 -0.28 1.33
CH3 ACT E . 18.95 -2.01 0.56
C ACT F . -10.80 -11.57 7.19
O ACT F . -11.52 -11.01 7.99
OXT ACT F . -11.06 -11.27 6.02
CH3 ACT F . -9.86 -12.68 7.57
S SO4 G . 2.84 17.19 -13.27
S SO4 G . 2.39 17.21 -13.00
O1 SO4 G . 3.29 15.85 -12.99
O1 SO4 G . 1.87 15.89 -13.36
O2 SO4 G . 2.91 18.05 -12.07
O2 SO4 G . 3.63 17.00 -12.20
O3 SO4 G . 1.44 17.24 -13.71
O3 SO4 G . 1.52 17.91 -12.02
O4 SO4 G . 3.74 17.88 -14.21
O4 SO4 G . 2.55 17.95 -14.23
S SO4 H . -9.99 1.23 5.47
O1 SO4 H . -10.69 -0.04 5.34
O2 SO4 H . -9.18 1.24 6.62
O3 SO4 H . -11.07 2.19 5.47
O4 SO4 H . -9.22 1.48 4.24
S SO4 I . -14.70 -4.54 6.45
O1 SO4 I . -14.79 -5.92 5.96
O2 SO4 I . -13.77 -4.49 7.58
O3 SO4 I . -16.03 -4.10 6.89
O4 SO4 I . -14.28 -3.69 5.34
C1 EDO J . 1.40 -7.88 20.31
O1 EDO J . 0.92 -6.54 20.49
C2 EDO J . 2.83 -7.81 19.91
O2 EDO J . 2.90 -7.22 18.60
C1 EDO K . 0.59 -9.47 16.40
C1 EDO K . 0.59 -9.68 15.67
O1 EDO K . -0.29 -10.54 16.01
O1 EDO K . -0.30 -8.65 16.13
C2 EDO K . 2.04 -9.89 16.18
C2 EDO K . 1.78 -9.77 16.62
O2 EDO K . 2.92 -8.80 16.47
O2 EDO K . 2.74 -8.73 16.38
C1 EDO L . 10.78 -16.46 -0.34
C1 EDO L . 10.73 -16.62 -0.75
O1 EDO L . 11.19 -16.11 -1.67
O1 EDO L . 11.40 -16.32 0.48
C2 EDO L . 9.85 -17.67 -0.38
C2 EDO L . 10.03 -17.98 -0.66
O2 EDO L . 9.33 -17.92 0.93
O2 EDO L . 9.88 -18.36 0.72
#